data_5LZN
#
_entry.id   5LZN
#
_cell.length_a   96.360
_cell.length_b   96.360
_cell.length_c   63.270
_cell.angle_alpha   90.000
_cell.angle_beta   90.000
_cell.angle_gamma   90.000
#
_symmetry.space_group_name_H-M   'I 4 2 2'
#
loop_
_entity.id
_entity.type
_entity.pdbx_description
1 polymer 'Calmodulin-regulated spectrin-associated protein 3'
2 water water
#
_entity_poly.entity_id   1
_entity_poly.type   'polypeptide(L)'
_entity_poly.pdbx_seq_one_letter_code
;AKSNKFIIHNALSHCCLAGKVNEPQKNRILEEIEKSKANHFLILFRDSSCQFRALYTLSGETEELSRLAGYGPRTVTPAM
VEGIYKYNSDRKRFTQIPAKTMSMSVDAFTIQGHLWQSK
;
_entity_poly.pdbx_strand_id   A
#
# COMPACT_ATOMS: atom_id res chain seq x y z
N LYS A 2 6.90 15.66 -1.41
CA LYS A 2 7.35 14.26 -1.12
C LYS A 2 6.57 13.23 -1.95
N SER A 3 7.19 12.06 -2.12
CA SER A 3 6.57 10.90 -2.75
C SER A 3 7.24 9.65 -2.17
N ASN A 4 6.57 8.51 -2.27
CA ASN A 4 7.16 7.23 -1.85
C ASN A 4 7.12 6.19 -3.01
N LYS A 5 7.01 6.69 -4.23
CA LYS A 5 6.88 5.82 -5.39
C LYS A 5 8.09 4.88 -5.54
N PHE A 6 9.29 5.37 -5.23
CA PHE A 6 10.47 4.53 -5.37
C PHE A 6 10.54 3.42 -4.33
N ILE A 7 10.21 3.74 -3.06
CA ILE A 7 10.14 2.74 -1.98
C ILE A 7 9.13 1.64 -2.35
N ILE A 8 7.97 2.06 -2.85
CA ILE A 8 6.91 1.10 -3.20
C ILE A 8 7.32 0.21 -4.37
N HIS A 9 7.94 0.81 -5.39
CA HIS A 9 8.41 0.02 -6.52
C HIS A 9 9.41 -1.03 -6.03
N ASN A 10 10.30 -0.59 -5.14
CA ASN A 10 11.34 -1.44 -4.56
C ASN A 10 10.67 -2.59 -3.82
N ALA A 11 9.70 -2.30 -2.96
CA ALA A 11 9.00 -3.35 -2.21
C ALA A 11 8.26 -4.33 -3.12
N LEU A 12 7.58 -3.83 -4.14
CA LEU A 12 6.84 -4.70 -5.04
C LEU A 12 7.79 -5.62 -5.79
N SER A 13 8.90 -5.04 -6.26
CA SER A 13 9.90 -5.74 -7.06
C SER A 13 10.64 -6.81 -6.29
N HIS A 14 11.00 -6.52 -5.05
CA HIS A 14 11.94 -7.36 -4.31
C HIS A 14 11.38 -8.04 -3.09
N CYS A 15 10.11 -7.82 -2.78
CA CYS A 15 9.51 -8.41 -1.59
C CYS A 15 8.17 -9.06 -1.92
N CYS A 16 7.19 -8.23 -2.30
CA CYS A 16 5.80 -8.70 -2.47
C CYS A 16 5.50 -9.56 -3.69
N LEU A 17 6.12 -9.26 -4.83
CA LEU A 17 5.77 -9.96 -6.08
C LEU A 17 7.01 -10.35 -6.89
N ASN A 22 4.34 -15.17 -11.00
CA ASN A 22 3.88 -13.89 -10.47
C ASN A 22 4.43 -12.68 -11.23
N GLU A 23 5.19 -12.92 -12.30
CA GLU A 23 5.77 -11.84 -13.10
C GLU A 23 4.76 -11.02 -13.93
N PRO A 24 3.87 -11.68 -14.70
CA PRO A 24 2.94 -10.86 -15.51
C PRO A 24 2.07 -9.90 -14.69
N GLN A 25 1.66 -10.32 -13.49
CA GLN A 25 0.93 -9.45 -12.55
C GLN A 25 1.79 -8.32 -12.02
N LYS A 26 2.97 -8.67 -11.52
CA LYS A 26 3.91 -7.66 -11.02
C LYS A 26 4.11 -6.56 -12.06
N ASN A 27 4.39 -6.92 -13.30
CA ASN A 27 4.61 -5.94 -14.39
C ASN A 27 3.37 -5.07 -14.67
N ARG A 28 2.21 -5.70 -14.67
CA ARG A 28 0.92 -5.00 -14.80
C ARG A 28 0.80 -3.91 -13.74
N ILE A 29 1.10 -4.25 -12.49
CA ILE A 29 1.02 -3.34 -11.36
C ILE A 29 2.06 -2.21 -11.43
N LEU A 30 3.29 -2.55 -11.79
CA LEU A 30 4.34 -1.55 -11.96
C LEU A 30 3.95 -0.55 -13.07
N GLU A 31 3.37 -1.06 -14.16
CA GLU A 31 2.78 -0.20 -15.21
C GLU A 31 1.69 0.76 -14.68
N GLU A 32 0.80 0.27 -13.81
CA GLU A 32 -0.23 1.13 -13.19
C GLU A 32 0.38 2.30 -12.42
N ILE A 33 1.53 2.04 -11.77
CA ILE A 33 2.22 3.04 -10.96
C ILE A 33 2.80 4.16 -11.83
N GLU A 34 3.34 3.83 -12.99
CA GLU A 34 3.92 4.86 -13.90
C GLU A 34 2.87 5.76 -14.52
N LYS A 35 1.76 5.17 -14.95
CA LYS A 35 0.63 5.95 -15.49
C LYS A 35 0.00 6.85 -14.42
N SER A 36 0.14 6.47 -13.14
CA SER A 36 -0.38 7.26 -12.04
C SER A 36 0.42 8.54 -11.78
N LYS A 37 -0.38 9.66 -11.70
CA LYS A 37 0.13 10.96 -11.28
C LYS A 37 0.19 11.12 -9.77
N ALA A 38 -0.24 10.10 -9.01
CA ALA A 38 -0.28 10.16 -7.54
C ALA A 38 1.13 10.19 -6.94
N ASN A 39 1.24 10.80 -5.75
CA ASN A 39 2.51 10.89 -5.02
C ASN A 39 2.68 9.86 -3.92
N HIS A 40 1.58 9.48 -3.25
CA HIS A 40 1.67 8.55 -2.10
C HIS A 40 0.92 7.25 -2.40
N PHE A 41 1.68 6.15 -2.41
CA PHE A 41 1.16 4.84 -2.70
C PHE A 41 1.24 3.97 -1.44
N LEU A 42 0.24 3.11 -1.24
CA LEU A 42 0.21 2.20 -0.12
C LEU A 42 -0.21 0.79 -0.57
N ILE A 43 0.44 -0.19 0.00
CA ILE A 43 0.12 -1.60 -0.22
C ILE A 43 -0.87 -2.06 0.85
N LEU A 44 -1.92 -2.74 0.42
CA LEU A 44 -2.86 -3.42 1.32
C LEU A 44 -2.42 -4.87 1.48
N PHE A 45 -2.27 -5.30 2.74
CA PHE A 45 -2.06 -6.69 3.08
C PHE A 45 -3.31 -7.32 3.62
N ARG A 46 -3.42 -8.64 3.51
CA ARG A 46 -4.58 -9.33 4.11
C ARG A 46 -4.52 -9.34 5.61
N ASP A 47 -3.31 -9.48 6.16
CA ASP A 47 -3.13 -9.59 7.61
C ASP A 47 -1.70 -9.25 8.00
N SER A 48 -1.33 -9.44 9.27
CA SER A 48 -0.06 -9.03 9.79
C SER A 48 1.12 -9.86 9.28
N SER A 49 0.86 -10.93 8.51
CA SER A 49 1.94 -11.63 7.83
C SER A 49 2.39 -10.94 6.55
N CYS A 50 1.71 -9.85 6.16
CA CYS A 50 2.17 -8.97 5.09
C CYS A 50 2.21 -9.62 3.71
N GLN A 51 1.16 -10.35 3.36
CA GLN A 51 0.98 -10.89 2.00
C GLN A 51 0.17 -9.88 1.17
N PHE A 52 0.70 -9.49 0.03
CA PHE A 52 0.11 -8.50 -0.86
C PHE A 52 -1.29 -8.85 -1.26
N ARG A 53 -2.19 -7.88 -1.12
CA ARG A 53 -3.48 -7.95 -1.76
C ARG A 53 -3.68 -6.90 -2.85
N ALA A 54 -3.39 -5.65 -2.55
CA ALA A 54 -3.74 -4.57 -3.47
C ALA A 54 -2.86 -3.35 -3.30
N LEU A 55 -2.99 -2.40 -4.23
CA LEU A 55 -2.20 -1.18 -4.20
C LEU A 55 -3.16 0.01 -4.26
N TYR A 56 -2.91 1.02 -3.43
CA TYR A 56 -3.76 2.21 -3.31
C TYR A 56 -2.96 3.48 -3.46
N THR A 57 -3.66 4.56 -3.80
CA THR A 57 -3.11 5.88 -3.75
C THR A 57 -3.86 6.68 -2.67
N LEU A 58 -3.15 7.58 -1.99
CA LEU A 58 -3.76 8.39 -0.93
C LEU A 58 -4.03 9.79 -1.42
N SER A 59 -5.26 10.26 -1.23
CA SER A 59 -5.61 11.67 -1.48
C SER A 59 -5.50 12.46 -0.18
N GLY A 60 -4.63 13.47 -0.16
CA GLY A 60 -4.48 14.35 0.99
C GLY A 60 -5.72 15.18 1.27
N GLU A 61 -6.46 15.52 0.21
CA GLU A 61 -7.67 16.33 0.35
C GLU A 61 -8.84 15.55 0.94
N THR A 62 -9.09 14.33 0.46
CA THR A 62 -10.22 13.53 0.99
C THR A 62 -9.82 12.65 2.17
N GLU A 63 -8.51 12.42 2.32
CA GLU A 63 -7.95 11.49 3.29
C GLU A 63 -8.29 10.02 3.03
N GLU A 64 -8.88 9.73 1.88
CA GLU A 64 -9.30 8.38 1.50
C GLU A 64 -8.26 7.74 0.61
N LEU A 65 -8.22 6.42 0.65
CA LEU A 65 -7.33 5.62 -0.16
C LEU A 65 -8.15 5.05 -1.31
N SER A 66 -7.62 5.18 -2.55
CA SER A 66 -8.33 4.67 -3.75
CA SER A 66 -8.31 4.65 -3.74
C SER A 66 -7.56 3.50 -4.36
N ARG A 67 -8.25 2.41 -4.66
CA ARG A 67 -7.62 1.24 -5.25
C ARG A 67 -7.09 1.53 -6.66
N LEU A 68 -5.80 1.23 -6.86
CA LEU A 68 -5.14 1.34 -8.18
C LEU A 68 -5.03 -0.02 -8.87
N ALA A 69 -4.77 -1.08 -8.09
CA ALA A 69 -4.63 -2.44 -8.63
C ALA A 69 -4.86 -3.48 -7.55
N GLY A 70 -5.19 -4.69 -7.95
CA GLY A 70 -5.27 -5.84 -7.04
C GLY A 70 -6.64 -6.13 -6.46
N TYR A 71 -6.63 -6.84 -5.34
CA TYR A 71 -7.80 -7.43 -4.67
C TYR A 71 -8.09 -6.64 -3.40
N GLY A 72 -9.09 -5.77 -3.46
CA GLY A 72 -9.43 -4.98 -2.28
C GLY A 72 -10.61 -4.07 -2.55
N PRO A 73 -11.13 -3.42 -1.49
CA PRO A 73 -12.20 -2.48 -1.65
C PRO A 73 -11.76 -1.27 -2.48
N ARG A 74 -12.74 -0.64 -3.17
CA ARG A 74 -12.39 0.47 -4.06
C ARG A 74 -11.88 1.66 -3.26
N THR A 75 -12.50 1.92 -2.10
CA THR A 75 -12.17 3.06 -1.27
C THR A 75 -11.98 2.61 0.17
N VAL A 76 -10.90 3.09 0.80
CA VAL A 76 -10.62 2.79 2.18
C VAL A 76 -10.51 4.10 2.93
N THR A 77 -11.37 4.25 3.95
CA THR A 77 -11.37 5.43 4.81
C THR A 77 -10.50 5.18 6.05
N PRO A 78 -10.20 6.25 6.82
CA PRO A 78 -9.41 6.05 8.02
C PRO A 78 -10.03 5.08 9.02
N ALA A 79 -11.36 5.08 9.13
CA ALA A 79 -12.05 4.12 10.00
C ALA A 79 -11.82 2.67 9.65
N MET A 80 -11.63 2.39 8.36
CA MET A 80 -11.45 1.05 7.85
C MET A 80 -10.02 0.54 8.08
N VAL A 81 -9.06 1.43 8.24
CA VAL A 81 -7.67 1.05 8.39
C VAL A 81 -7.47 0.47 9.79
N GLU A 82 -6.76 -0.66 9.85
CA GLU A 82 -6.42 -1.30 11.12
C GLU A 82 -4.96 -0.96 11.44
N GLY A 83 -4.03 -1.66 10.83
CA GLY A 83 -2.60 -1.48 11.12
C GLY A 83 -1.90 -0.72 10.00
N ILE A 84 -0.78 -0.08 10.33
CA ILE A 84 0.05 0.63 9.34
C ILE A 84 1.50 0.16 9.47
N TYR A 85 2.19 0.15 8.32
CA TYR A 85 3.50 -0.45 8.16
C TYR A 85 4.42 0.39 7.31
N LYS A 86 5.72 0.22 7.54
CA LYS A 86 6.77 0.84 6.72
C LYS A 86 7.64 -0.24 6.13
N TYR A 87 8.24 0.03 4.97
CA TYR A 87 9.12 -0.94 4.33
C TYR A 87 10.57 -0.69 4.71
N ASN A 88 11.32 -1.77 4.94
CA ASN A 88 12.77 -1.71 5.19
C ASN A 88 13.48 -2.42 4.02
N SER A 89 14.21 -1.64 3.23
CA SER A 89 14.77 -2.13 1.96
C SER A 89 15.91 -3.12 2.16
N ASP A 90 16.81 -2.82 3.09
CA ASP A 90 17.96 -3.70 3.35
C ASP A 90 17.50 -5.06 3.88
N ARG A 91 16.47 -5.06 4.74
CA ARG A 91 15.94 -6.28 5.36
C ARG A 91 14.85 -6.96 4.53
N LYS A 92 14.36 -6.26 3.52
CA LYS A 92 13.37 -6.79 2.59
C LYS A 92 12.17 -7.24 3.39
N ARG A 93 11.70 -6.39 4.31
CA ARG A 93 10.47 -6.69 5.05
C ARG A 93 9.77 -5.44 5.55
N PHE A 94 8.48 -5.58 5.85
CA PHE A 94 7.68 -4.50 6.41
C PHE A 94 7.66 -4.61 7.92
N THR A 95 7.63 -3.46 8.60
CA THR A 95 7.53 -3.41 10.06
C THR A 95 6.35 -2.51 10.45
N GLN A 96 5.65 -2.90 11.51
CA GLN A 96 4.47 -2.20 11.99
C GLN A 96 4.87 -0.91 12.68
N ILE A 97 4.14 0.16 12.39
CA ILE A 97 4.32 1.46 12.99
C ILE A 97 3.27 1.61 14.08
N PRO A 98 3.65 2.13 15.26
CA PRO A 98 2.64 2.43 16.27
C PRO A 98 1.56 3.39 15.75
N ALA A 99 0.29 3.10 16.04
CA ALA A 99 -0.84 3.87 15.50
C ALA A 99 -0.64 5.37 15.59
N LYS A 100 -0.87 6.04 14.46
CA LYS A 100 -0.67 7.48 14.36
C LYS A 100 -1.45 8.01 13.17
N THR A 101 -1.51 9.34 13.05
CA THR A 101 -2.07 9.97 11.86
C THR A 101 -1.31 9.51 10.62
N MET A 102 -2.05 9.19 9.56
CA MET A 102 -1.48 8.80 8.28
C MET A 102 -0.47 9.85 7.81
N SER A 103 0.68 9.40 7.33
CA SER A 103 1.75 10.30 6.89
C SER A 103 2.60 9.64 5.79
N MET A 104 3.53 10.37 5.22
CA MET A 104 4.31 9.90 4.06
C MET A 104 5.19 8.68 4.37
N SER A 105 5.60 8.54 5.63
CA SER A 105 6.35 7.37 6.09
C SER A 105 5.57 6.06 6.01
N VAL A 106 4.25 6.12 5.91
CA VAL A 106 3.45 4.90 5.84
C VAL A 106 3.45 4.30 4.43
N ASP A 107 3.88 3.03 4.32
CA ASP A 107 3.94 2.32 3.05
C ASP A 107 2.91 1.23 2.82
N ALA A 108 2.30 0.74 3.87
CA ALA A 108 1.33 -0.34 3.75
C ALA A 108 0.39 -0.36 4.94
N PHE A 109 -0.68 -1.12 4.80
CA PHE A 109 -1.73 -1.15 5.80
C PHE A 109 -2.54 -2.41 5.70
N THR A 110 -3.29 -2.68 6.77
CA THR A 110 -4.34 -3.70 6.82
C THR A 110 -5.67 -2.98 7.10
N ILE A 111 -6.78 -3.68 6.85
CA ILE A 111 -8.11 -3.13 7.14
C ILE A 111 -8.83 -4.06 8.12
N GLN A 112 -9.89 -3.56 8.70
CA GLN A 112 -10.70 -4.33 9.64
C GLN A 112 -11.17 -5.63 8.98
N GLY A 113 -11.16 -6.73 9.72
CA GLY A 113 -11.43 -8.02 9.13
C GLY A 113 -12.77 -8.24 8.49
N HIS A 114 -13.82 -7.64 9.05
CA HIS A 114 -15.15 -7.83 8.47
C HIS A 114 -15.32 -7.25 7.09
N LEU A 115 -14.43 -6.34 6.72
CA LEU A 115 -14.48 -5.71 5.43
C LEU A 115 -14.16 -6.60 4.24
N TRP A 116 -13.54 -7.73 4.53
CA TRP A 116 -13.30 -8.78 3.56
C TRP A 116 -14.53 -9.67 3.43
#